data_2QV4
#
_entry.id   2QV4
#
_cell.length_a   51.859
_cell.length_b   67.723
_cell.length_c   130.099
_cell.angle_alpha   90.00
_cell.angle_beta   90.00
_cell.angle_gamma   90.00
#
_symmetry.space_group_name_H-M   'P 21 21 21'
#
loop_
_entity.id
_entity.type
_entity.pdbx_description
1 polymer 'Pancreatic alpha-amylase'
2 non-polymer 2-acetamido-2-deoxy-beta-D-glucopyranose
3 non-polymer 'CALCIUM ION'
4 non-polymer 'NITRITE ION'
5 non-polymer 4,6-dideoxy-4-{[(1S,4R,5R,6S)-4-{[alpha-D-glucopyranosyl-(1->4)-alpha-D-glucopyranosyl-(1->4)-alpha-D-glucopyranosyl]oxy}-5,6-dihydroxy-3-(hydroxymethyl)cyclohex-2-en-1-yl]amino}-alpha-D-glucopyranose
6 water water
#
_entity_poly.entity_id   1
_entity_poly.type   'polypeptide(L)'
_entity_poly.pdbx_seq_one_letter_code
;(PCA)YSPNTQQGRTSIVHLFEWRWVDIALECERYLAPKGFGGVQVSPPNENVAIYNPFRPWWERYQPVSYKLCTRSGNE
DEFRNMVTRCNNVGVRIYVDAVINHMCGNAVSAGTSSTCGSYFNPGSRDFPAVPYSGWDFNDGKCKTGSGDIENYNDATQ
VRDCRLTGLLDLALEKDYVRSKIAEYMNHLIDIGVAGFRLDASKHMWPGDIKAILDKLHNLNSNWFPAGSKPFIYQEVID
LGGEPIKSSDYFGNGRVTEFKYGAKLGTVIRKWNGEKMSYLKNWGEGWGFVPSDRALVFVDNHDNQRGHGAGGASILTFW
DARLYKMAVGFMLAHPYGFTRVMSSYRWPRQFQNGNDVNDWVGPPNNNGVIKEVTINPDTTCGNDWVCEHRWRQIRNMVI
FRNVVDGQPFTNWYDNGSNQVAFGRGNRGFIVFNNDDWSFSLTLQTGLPAGTYCDVISGDKINGNCTGIKIYVSDDGKAH
FSISNSAEDPFIAIHAESKL
;
_entity_poly.pdbx_strand_id   A
#
loop_
_chem_comp.id
_chem_comp.type
_chem_comp.name
_chem_comp.formula
CA non-polymer 'CALCIUM ION' 'Ca 2'
NAG D-saccharide, beta linking 2-acetamido-2-deoxy-beta-D-glucopyranose 'C8 H15 N O6'
NO2 non-polymer 'NITRITE ION' 'N O2 -1'
QV4 saccharide 4,6-dideoxy-4-{[(1S,4R,5R,6S)-4-{[alpha-D-glucopyranosyl-(1->4)-alpha-D-glucopyranosyl-(1->4)-alpha-D-glucopyranosyl]oxy}-5,6-dihydroxy-3-(hydroxymethyl)cyclohex-2-en-1-yl]amino}-alpha-D-glucopyranose 'C31 H53 N O23'
#
# COMPACT_ATOMS: atom_id res chain seq x y z
N PCA A 1 1.45 -14.58 -10.75
CA PCA A 1 0.87 -13.80 -9.67
CB PCA A 1 0.58 -14.77 -8.59
CG PCA A 1 1.34 -15.95 -9.00
CD PCA A 1 1.76 -15.84 -10.47
OE PCA A 1 2.41 -16.61 -11.20
C PCA A 1 1.86 -12.77 -9.19
O PCA A 1 1.52 -12.01 -8.27
N TYR A 2 3.05 -12.74 -9.77
CA TYR A 2 4.09 -11.81 -9.34
C TYR A 2 4.11 -10.51 -10.12
N SER A 3 3.47 -10.48 -11.29
CA SER A 3 3.42 -9.27 -12.12
C SER A 3 2.20 -8.46 -11.73
N PRO A 4 2.34 -7.15 -11.51
CA PRO A 4 1.19 -6.31 -11.13
C PRO A 4 0.16 -6.10 -12.23
N ASN A 5 0.52 -6.45 -13.46
CA ASN A 5 -0.38 -6.31 -14.60
C ASN A 5 -0.73 -4.86 -14.92
N THR A 6 0.24 -3.96 -14.75
CA THR A 6 0.05 -2.54 -15.03
C THR A 6 0.39 -2.28 -16.50
N GLN A 7 -0.11 -1.18 -17.08
CA GLN A 7 0.21 -0.86 -18.47
C GLN A 7 1.70 -0.67 -18.58
N GLN A 8 2.26 -0.77 -19.78
CA GLN A 8 3.69 -0.58 -19.93
C GLN A 8 4.08 0.78 -19.38
N GLY A 9 5.03 0.79 -18.45
CA GLY A 9 5.45 2.04 -17.86
C GLY A 9 5.08 2.12 -16.39
N ARG A 10 3.77 2.23 -16.12
CA ARG A 10 3.24 2.33 -14.76
C ARG A 10 3.94 1.41 -13.78
N THR A 11 4.58 1.98 -12.77
CA THR A 11 5.33 1.21 -11.77
C THR A 11 4.86 1.28 -10.31
N SER A 12 3.74 1.94 -10.01
CA SER A 12 3.28 2.03 -8.63
C SER A 12 1.79 1.91 -8.50
N ILE A 13 1.32 1.58 -7.32
CA ILE A 13 -0.11 1.53 -7.07
C ILE A 13 -0.31 2.48 -5.90
N VAL A 14 -1.50 3.05 -5.77
CA VAL A 14 -1.77 3.97 -4.67
C VAL A 14 -2.91 3.42 -3.83
N HIS A 15 -2.80 3.50 -2.52
CA HIS A 15 -3.87 3.01 -1.66
C HIS A 15 -4.85 4.14 -1.38
N LEU A 16 -5.97 4.20 -2.10
CA LEU A 16 -6.96 5.25 -1.86
C LEU A 16 -7.84 4.73 -0.73
N PHE A 17 -7.27 4.74 0.47
CA PHE A 17 -7.87 4.26 1.69
C PHE A 17 -9.23 4.87 2.03
N GLU A 18 -10.27 4.04 2.03
CA GLU A 18 -11.63 4.45 2.34
C GLU A 18 -12.32 5.35 1.31
N TRP A 19 -11.77 5.50 0.11
CA TRP A 19 -12.41 6.33 -0.90
C TRP A 19 -13.63 5.63 -1.45
N ARG A 20 -14.60 6.41 -1.92
CA ARG A 20 -15.83 5.86 -2.52
C ARG A 20 -15.48 5.49 -3.95
N TRP A 21 -16.19 4.52 -4.52
CA TRP A 21 -15.91 4.09 -5.89
C TRP A 21 -16.03 5.23 -6.91
N VAL A 22 -17.04 6.08 -6.78
CA VAL A 22 -17.20 7.19 -7.73
C VAL A 22 -16.03 8.15 -7.67
N ASP A 23 -15.45 8.35 -6.48
CA ASP A 23 -14.33 9.25 -6.35
C ASP A 23 -13.08 8.62 -6.97
N ILE A 24 -12.90 7.33 -6.81
CA ILE A 24 -11.74 6.67 -7.40
C ILE A 24 -11.89 6.66 -8.91
N ALA A 25 -13.10 6.45 -9.41
CA ALA A 25 -13.32 6.46 -10.85
C ALA A 25 -12.86 7.80 -11.42
N LEU A 26 -13.29 8.90 -10.80
CA LEU A 26 -12.91 10.23 -11.26
C LEU A 26 -11.41 10.44 -11.15
N GLU A 27 -10.82 10.00 -10.05
CA GLU A 27 -9.38 10.16 -9.83
C GLU A 27 -8.62 9.43 -10.91
N CYS A 28 -9.13 8.30 -11.37
CA CYS A 28 -8.44 7.55 -12.42
C CYS A 28 -8.36 8.40 -13.66
N GLU A 29 -9.49 8.99 -14.05
CA GLU A 29 -9.57 9.81 -15.25
C GLU A 29 -8.89 11.15 -15.16
N ARG A 30 -9.09 11.86 -14.05
CA ARG A 30 -8.52 13.19 -13.91
C ARG A 30 -7.09 13.28 -13.42
N TYR A 31 -6.58 12.27 -12.72
CA TYR A 31 -5.22 12.38 -12.19
C TYR A 31 -4.32 11.18 -12.37
N LEU A 32 -4.78 10.01 -11.93
CA LEU A 32 -3.98 8.79 -12.00
C LEU A 32 -3.49 8.40 -13.39
N ALA A 33 -4.36 8.47 -14.39
CA ALA A 33 -3.94 8.10 -15.73
C ALA A 33 -2.92 9.10 -16.29
N PRO A 34 -3.25 10.40 -16.32
CA PRO A 34 -2.28 11.38 -16.85
C PRO A 34 -0.97 11.50 -16.08
N LYS A 35 -0.99 11.21 -14.78
CA LYS A 35 0.23 11.30 -13.97
C LYS A 35 1.05 10.02 -13.97
N GLY A 36 0.56 8.98 -14.62
CA GLY A 36 1.33 7.74 -14.70
C GLY A 36 1.23 6.70 -13.59
N PHE A 37 0.15 6.75 -12.81
CA PHE A 37 0.00 5.76 -11.74
C PHE A 37 -0.43 4.42 -12.34
N GLY A 38 0.05 3.33 -11.75
CA GLY A 38 -0.29 2.01 -12.27
C GLY A 38 -1.61 1.42 -11.85
N GLY A 39 -1.99 1.62 -10.59
CA GLY A 39 -3.24 1.05 -10.12
C GLY A 39 -3.67 1.63 -8.79
N VAL A 40 -4.76 1.06 -8.25
CA VAL A 40 -5.34 1.51 -6.99
C VAL A 40 -5.71 0.37 -6.03
N GLN A 41 -5.27 0.47 -4.77
CA GLN A 41 -5.63 -0.51 -3.74
C GLN A 41 -6.93 0.02 -3.23
N VAL A 42 -8.04 -0.71 -3.41
CA VAL A 42 -9.30 -0.23 -2.87
C VAL A 42 -9.56 -0.90 -1.53
N SER A 43 -10.32 -0.25 -0.65
CA SER A 43 -10.64 -0.84 0.63
C SER A 43 -11.56 -2.02 0.33
N PRO A 44 -11.70 -2.99 1.26
CA PRO A 44 -12.56 -4.17 1.05
C PRO A 44 -13.89 -3.80 0.40
N PRO A 45 -14.20 -4.37 -0.77
CA PRO A 45 -15.47 -4.05 -1.45
C PRO A 45 -16.67 -4.89 -1.03
N ASN A 46 -16.45 -5.85 -0.13
CA ASN A 46 -17.53 -6.72 0.34
C ASN A 46 -18.24 -6.20 1.57
N GLU A 47 -19.51 -6.55 1.72
CA GLU A 47 -20.32 -6.15 2.86
C GLU A 47 -19.64 -6.45 4.20
N ASN A 48 -19.64 -5.47 5.11
CA ASN A 48 -19.03 -5.64 6.42
C ASN A 48 -19.98 -5.26 7.54
N VAL A 49 -19.54 -5.43 8.78
CA VAL A 49 -20.36 -5.09 9.94
C VAL A 49 -20.41 -3.59 10.15
N ALA A 50 -21.59 -3.03 10.38
CA ALA A 50 -21.72 -1.60 10.65
C ALA A 50 -21.53 -1.44 12.15
N ILE A 51 -20.38 -0.93 12.54
CA ILE A 51 -20.10 -0.76 13.96
C ILE A 51 -20.32 0.67 14.39
N TYR A 52 -21.09 0.85 15.47
CA TYR A 52 -21.41 2.18 15.95
C TYR A 52 -20.72 2.51 17.25
N ASN A 53 -20.04 1.53 17.84
CA ASN A 53 -19.33 1.76 19.08
C ASN A 53 -17.94 1.15 18.97
N PRO A 54 -16.92 1.94 18.59
CA PRO A 54 -17.02 3.37 18.26
C PRO A 54 -17.80 3.61 16.97
N PHE A 55 -18.03 4.87 16.62
CA PHE A 55 -18.82 5.21 15.44
C PHE A 55 -18.20 4.98 14.08
N ARG A 56 -18.59 3.89 13.41
CA ARG A 56 -18.11 3.63 12.05
C ARG A 56 -16.60 3.60 11.87
N PRO A 57 -15.85 3.00 12.81
CA PRO A 57 -14.39 2.96 12.66
C PRO A 57 -13.93 2.38 11.32
N TRP A 58 -12.71 2.72 10.90
CA TRP A 58 -12.20 2.20 9.63
C TRP A 58 -12.07 0.68 9.69
N TRP A 59 -11.67 0.13 10.82
CA TRP A 59 -11.49 -1.31 10.92
C TRP A 59 -12.75 -2.15 10.81
N GLU A 60 -13.93 -1.53 10.74
CA GLU A 60 -15.12 -2.35 10.61
C GLU A 60 -15.13 -3.03 9.24
N ARG A 61 -14.32 -2.54 8.30
CA ARG A 61 -14.26 -3.12 6.96
C ARG A 61 -13.43 -4.40 6.88
N TYR A 62 -12.87 -4.83 8.00
CA TYR A 62 -12.07 -6.06 8.03
C TYR A 62 -12.85 -7.06 8.86
N GLN A 63 -14.16 -6.85 8.87
CA GLN A 63 -15.12 -7.65 9.63
C GLN A 63 -16.23 -8.01 8.66
N PRO A 64 -15.98 -8.94 7.72
CA PRO A 64 -16.96 -9.38 6.71
C PRO A 64 -18.30 -9.95 7.19
N VAL A 65 -19.35 -9.68 6.42
CA VAL A 65 -20.70 -10.17 6.67
C VAL A 65 -21.14 -11.02 5.47
N SER A 66 -20.67 -10.65 4.27
CA SER A 66 -20.97 -11.40 3.05
C SER A 66 -20.01 -10.97 1.94
N TYR A 67 -20.23 -11.46 0.72
CA TYR A 67 -19.35 -11.09 -0.38
C TYR A 67 -20.04 -10.15 -1.35
N LYS A 68 -21.18 -9.61 -0.94
CA LYS A 68 -21.92 -8.65 -1.76
C LYS A 68 -21.05 -7.41 -1.88
N LEU A 69 -20.91 -6.87 -3.09
CA LEU A 69 -20.08 -5.68 -3.28
C LEU A 69 -20.96 -4.51 -2.88
N CYS A 70 -21.13 -4.35 -1.58
CA CYS A 70 -22.01 -3.34 -1.06
C CYS A 70 -21.47 -2.79 0.27
N THR A 71 -20.89 -1.59 0.20
CA THR A 71 -20.27 -0.97 1.37
C THR A 71 -20.46 0.55 1.41
N ARG A 72 -19.76 1.21 2.34
CA ARG A 72 -19.82 2.66 2.45
C ARG A 72 -19.14 3.29 1.24
N SER A 73 -18.36 2.51 0.49
CA SER A 73 -17.70 3.04 -0.70
C SER A 73 -18.64 3.00 -1.90
N GLY A 74 -19.69 2.18 -1.85
CA GLY A 74 -20.63 2.10 -2.96
C GLY A 74 -21.25 0.73 -3.16
N ASN A 75 -22.21 0.62 -4.08
CA ASN A 75 -22.85 -0.65 -4.38
C ASN A 75 -22.16 -1.38 -5.51
N GLU A 76 -22.69 -2.52 -5.91
CA GLU A 76 -22.08 -3.32 -6.97
C GLU A 76 -21.93 -2.59 -8.31
N ASP A 77 -22.90 -1.78 -8.70
CA ASP A 77 -22.79 -1.08 -9.98
C ASP A 77 -21.73 0.00 -9.93
N GLU A 78 -21.68 0.75 -8.83
CA GLU A 78 -20.68 1.79 -8.70
C GLU A 78 -19.29 1.18 -8.76
N PHE A 79 -19.14 0.00 -8.14
CA PHE A 79 -17.85 -0.67 -8.12
C PHE A 79 -17.45 -1.03 -9.53
N ARG A 80 -18.38 -1.65 -10.24
CA ARG A 80 -18.17 -2.08 -11.62
C ARG A 80 -17.83 -0.87 -12.49
N ASN A 81 -18.58 0.21 -12.31
CA ASN A 81 -18.36 1.44 -13.07
C ASN A 81 -16.96 1.94 -12.84
N MET A 82 -16.46 1.78 -11.61
CA MET A 82 -15.11 2.20 -11.24
C MET A 82 -14.05 1.39 -11.98
N VAL A 83 -14.11 0.06 -11.89
CA VAL A 83 -13.13 -0.81 -12.56
C VAL A 83 -13.09 -0.56 -14.06
N THR A 84 -14.26 -0.41 -14.66
CA THR A 84 -14.38 -0.17 -16.09
C THR A 84 -13.72 1.16 -16.46
N ARG A 85 -14.14 2.25 -15.82
CA ARG A 85 -13.56 3.55 -16.13
C ARG A 85 -12.07 3.61 -15.87
N CYS A 86 -11.59 2.98 -14.80
CA CYS A 86 -10.16 2.97 -14.52
C CYS A 86 -9.40 2.13 -15.54
N ASN A 87 -9.88 0.93 -15.85
CA ASN A 87 -9.18 0.11 -16.84
C ASN A 87 -9.15 0.79 -18.20
N ASN A 88 -10.19 1.54 -18.53
CA ASN A 88 -10.24 2.20 -19.82
C ASN A 88 -9.18 3.28 -20.00
N VAL A 89 -8.64 3.79 -18.89
CA VAL A 89 -7.59 4.81 -18.96
C VAL A 89 -6.26 4.23 -18.52
N GLY A 90 -6.19 2.89 -18.46
CA GLY A 90 -4.96 2.21 -18.09
C GLY A 90 -4.56 2.14 -16.63
N VAL A 91 -5.50 2.38 -15.73
CA VAL A 91 -5.23 2.34 -14.28
C VAL A 91 -5.91 1.11 -13.70
N ARG A 92 -5.13 0.20 -13.11
CA ARG A 92 -5.67 -1.04 -12.55
C ARG A 92 -6.30 -0.92 -11.17
N ILE A 93 -7.12 -1.92 -10.83
CA ILE A 93 -7.77 -1.97 -9.51
C ILE A 93 -7.34 -3.25 -8.80
N TYR A 94 -6.89 -3.11 -7.56
CA TYR A 94 -6.47 -4.27 -6.76
C TYR A 94 -7.39 -4.34 -5.54
N VAL A 95 -8.04 -5.48 -5.33
CA VAL A 95 -8.95 -5.62 -4.21
C VAL A 95 -8.33 -6.11 -2.93
N ASP A 96 -8.67 -5.45 -1.83
CA ASP A 96 -8.19 -5.85 -0.51
C ASP A 96 -9.13 -7.02 -0.17
N ALA A 97 -8.63 -8.25 -0.30
CA ALA A 97 -9.45 -9.43 -0.03
C ALA A 97 -9.38 -9.93 1.41
N VAL A 98 -10.47 -9.77 2.15
CA VAL A 98 -10.54 -10.21 3.55
C VAL A 98 -11.16 -11.59 3.50
N ILE A 99 -10.31 -12.62 3.39
CA ILE A 99 -10.80 -13.99 3.28
C ILE A 99 -10.41 -14.98 4.38
N ASN A 100 -9.64 -14.53 5.37
CA ASN A 100 -9.24 -15.41 6.46
C ASN A 100 -10.34 -15.56 7.50
N HIS A 101 -11.19 -14.54 7.62
CA HIS A 101 -12.22 -14.56 8.63
C HIS A 101 -13.48 -13.81 8.27
N MET A 102 -14.48 -13.94 9.13
CA MET A 102 -15.73 -13.20 8.97
C MET A 102 -15.63 -12.20 10.12
N CYS A 103 -16.74 -11.78 10.71
CA CYS A 103 -16.65 -10.79 11.79
C CYS A 103 -16.30 -11.32 13.17
N GLY A 104 -16.19 -10.41 14.13
CA GLY A 104 -15.87 -10.81 15.49
C GLY A 104 -16.94 -11.72 16.05
N ASN A 105 -16.53 -12.71 16.84
CA ASN A 105 -17.45 -13.68 17.43
C ASN A 105 -18.41 -13.11 18.47
N ALA A 106 -18.08 -11.94 19.02
CA ALA A 106 -18.92 -11.30 20.02
C ALA A 106 -19.81 -10.20 19.48
N VAL A 107 -19.75 -9.93 18.18
CA VAL A 107 -20.58 -8.89 17.58
C VAL A 107 -22.02 -9.37 17.68
N SER A 108 -22.94 -8.49 18.03
CA SER A 108 -24.35 -8.87 18.16
C SER A 108 -24.99 -9.24 16.84
N ALA A 109 -25.82 -10.28 16.85
CA ALA A 109 -26.50 -10.76 15.65
C ALA A 109 -27.56 -9.77 15.20
N GLY A 110 -27.88 -9.78 13.91
CA GLY A 110 -28.88 -8.87 13.39
C GLY A 110 -28.57 -8.43 11.97
N THR A 111 -29.03 -7.23 11.62
CA THR A 111 -28.79 -6.70 10.28
C THR A 111 -27.97 -5.43 10.30
N SER A 112 -27.06 -5.33 11.27
CA SER A 112 -26.21 -4.15 11.37
C SER A 112 -25.04 -4.36 10.43
N SER A 113 -25.31 -4.39 9.15
CA SER A 113 -24.31 -4.62 8.12
C SER A 113 -24.44 -3.56 7.06
N THR A 114 -23.39 -3.34 6.26
CA THR A 114 -23.45 -2.30 5.25
C THR A 114 -24.44 -2.53 4.13
N CYS A 115 -24.98 -3.74 4.01
CA CYS A 115 -25.97 -4.01 2.97
C CYS A 115 -27.24 -4.58 3.58
N GLY A 116 -27.28 -4.63 4.91
CA GLY A 116 -28.46 -5.13 5.59
C GLY A 116 -28.62 -6.64 5.65
N SER A 117 -27.60 -7.38 5.20
CA SER A 117 -27.67 -8.84 5.25
C SER A 117 -27.73 -9.22 6.70
N TYR A 118 -28.46 -10.28 7.01
CA TYR A 118 -28.54 -10.75 8.38
C TYR A 118 -27.34 -11.62 8.65
N PHE A 119 -26.86 -11.62 9.89
CA PHE A 119 -25.73 -12.46 10.27
C PHE A 119 -25.80 -12.71 11.76
N ASN A 120 -25.29 -13.85 12.21
CA ASN A 120 -25.33 -14.20 13.62
C ASN A 120 -24.00 -14.80 14.02
N PRO A 121 -23.03 -13.97 14.45
CA PRO A 121 -21.71 -14.46 14.86
C PRO A 121 -21.79 -15.58 15.87
N GLY A 122 -22.66 -15.42 16.87
CA GLY A 122 -22.83 -16.43 17.90
C GLY A 122 -23.19 -17.82 17.42
N SER A 123 -24.12 -17.91 16.47
CA SER A 123 -24.51 -19.21 15.94
C SER A 123 -23.67 -19.53 14.70
N ARG A 124 -22.77 -18.61 14.39
CA ARG A 124 -21.88 -18.73 13.22
C ARG A 124 -22.65 -18.86 11.92
N ASP A 125 -23.72 -18.08 11.80
CA ASP A 125 -24.55 -18.08 10.60
C ASP A 125 -24.40 -16.81 9.80
N PHE A 126 -23.98 -16.96 8.55
CA PHE A 126 -23.85 -15.84 7.63
C PHE A 126 -24.60 -16.29 6.39
N PRO A 127 -25.94 -16.31 6.45
CA PRO A 127 -26.81 -16.74 5.36
C PRO A 127 -26.59 -16.10 4.01
N ALA A 128 -26.13 -14.85 3.98
CA ALA A 128 -25.89 -14.18 2.71
C ALA A 128 -24.80 -14.83 1.89
N VAL A 129 -23.94 -15.67 2.50
CA VAL A 129 -22.86 -16.29 1.74
C VAL A 129 -23.29 -17.55 0.97
N PRO A 130 -23.75 -18.61 1.65
CA PRO A 130 -23.92 -18.80 3.09
C PRO A 130 -22.82 -19.60 3.77
N TYR A 131 -22.58 -19.29 5.05
CA TYR A 131 -21.60 -19.99 5.87
C TYR A 131 -22.35 -20.45 7.11
N SER A 132 -22.00 -21.60 7.66
CA SER A 132 -22.63 -22.09 8.88
C SER A 132 -21.52 -22.46 9.87
N GLY A 133 -21.88 -23.09 10.99
CA GLY A 133 -20.87 -23.48 11.95
C GLY A 133 -19.86 -24.47 11.41
N TRP A 134 -20.23 -25.16 10.33
CA TRP A 134 -19.35 -26.14 9.70
C TRP A 134 -18.20 -25.51 8.97
N ASP A 135 -18.30 -24.21 8.72
CA ASP A 135 -17.28 -23.50 7.97
C ASP A 135 -16.26 -22.72 8.78
N PHE A 136 -16.23 -22.90 10.11
CA PHE A 136 -15.30 -22.18 10.97
C PHE A 136 -14.37 -23.12 11.75
N ASN A 137 -13.25 -22.60 12.25
CA ASN A 137 -12.26 -23.42 12.94
C ASN A 137 -12.44 -23.70 14.42
N ASP A 138 -13.67 -23.64 14.91
CA ASP A 138 -13.95 -23.89 16.31
C ASP A 138 -13.35 -25.19 16.81
N GLY A 139 -13.61 -26.29 16.12
CA GLY A 139 -13.08 -27.57 16.54
C GLY A 139 -11.58 -27.72 16.33
N LYS A 140 -11.11 -27.12 15.26
CA LYS A 140 -9.69 -27.17 14.89
C LYS A 140 -8.77 -26.39 15.83
N CYS A 141 -9.15 -25.18 16.20
CA CYS A 141 -8.33 -24.38 17.10
C CYS A 141 -8.16 -25.08 18.44
N LYS A 142 -6.92 -25.15 18.91
CA LYS A 142 -6.62 -25.82 20.17
C LYS A 142 -6.37 -24.93 21.39
N THR A 143 -6.48 -23.62 21.27
CA THR A 143 -6.22 -22.74 22.42
C THR A 143 -7.39 -22.69 23.40
N GLY A 144 -7.12 -22.31 24.64
CA GLY A 144 -8.17 -22.23 25.64
C GLY A 144 -9.18 -21.12 25.41
N SER A 145 -8.74 -20.04 24.80
CA SER A 145 -9.63 -18.91 24.54
C SER A 145 -10.30 -19.04 23.19
N GLY A 146 -9.71 -19.83 22.28
CA GLY A 146 -10.27 -19.97 20.96
C GLY A 146 -9.67 -18.91 20.05
N ASP A 147 -8.92 -17.99 20.66
CA ASP A 147 -8.26 -16.91 19.92
C ASP A 147 -6.77 -17.22 19.85
N ILE A 148 -6.04 -16.50 19.01
CA ILE A 148 -4.60 -16.74 18.92
C ILE A 148 -3.99 -16.22 20.22
N GLU A 149 -3.18 -17.04 20.89
CA GLU A 149 -2.57 -16.65 22.15
C GLU A 149 -1.05 -16.54 22.05
N ASN A 150 -0.43 -17.37 21.22
CA ASN A 150 1.01 -17.36 21.07
C ASN A 150 1.51 -17.50 19.64
N TYR A 151 2.24 -16.50 19.17
CA TYR A 151 2.75 -16.52 17.81
C TYR A 151 3.93 -17.44 17.59
N ASN A 152 4.40 -18.10 18.64
CA ASN A 152 5.51 -19.04 18.51
C ASN A 152 5.00 -20.40 18.10
N ASP A 153 3.68 -20.52 18.02
CA ASP A 153 3.02 -21.75 17.60
C ASP A 153 2.36 -21.43 16.27
N ALA A 154 2.99 -21.83 15.16
CA ALA A 154 2.47 -21.56 13.83
C ALA A 154 1.09 -22.13 13.55
N THR A 155 0.71 -23.21 14.22
CA THR A 155 -0.59 -23.83 13.98
C THR A 155 -1.71 -22.95 14.50
N GLN A 156 -1.58 -22.57 15.77
CA GLN A 156 -2.54 -21.71 16.44
C GLN A 156 -2.71 -20.38 15.68
N VAL A 157 -1.62 -19.85 15.13
CA VAL A 157 -1.67 -18.61 14.37
C VAL A 157 -2.58 -18.74 13.15
N ARG A 158 -2.64 -19.93 12.55
CA ARG A 158 -3.47 -20.18 11.37
C ARG A 158 -4.87 -20.71 11.68
N ASP A 159 -5.03 -21.48 12.75
CA ASP A 159 -6.33 -22.09 13.07
C ASP A 159 -7.20 -21.41 14.10
N CYS A 160 -6.66 -20.44 14.82
CA CYS A 160 -7.46 -19.77 15.84
C CYS A 160 -7.84 -18.36 15.42
N ARG A 161 -8.71 -17.72 16.20
CA ARG A 161 -9.19 -16.37 15.87
C ARG A 161 -8.25 -15.20 16.11
N LEU A 162 -7.94 -14.47 15.05
CA LEU A 162 -7.09 -13.28 15.17
C LEU A 162 -7.93 -12.28 15.92
N THR A 163 -7.51 -11.91 17.13
CA THR A 163 -8.27 -10.98 17.95
C THR A 163 -9.77 -11.27 17.90
N GLY A 164 -10.13 -12.55 18.02
CA GLY A 164 -11.53 -12.93 18.02
C GLY A 164 -12.33 -13.00 16.73
N LEU A 165 -11.73 -12.68 15.60
CA LEU A 165 -12.46 -12.74 14.32
C LEU A 165 -12.74 -14.20 13.95
N LEU A 166 -13.99 -14.54 13.66
CA LEU A 166 -14.35 -15.91 13.30
C LEU A 166 -13.46 -16.41 12.16
N ASP A 167 -12.72 -17.48 12.44
CA ASP A 167 -11.76 -18.07 11.49
C ASP A 167 -12.33 -19.10 10.53
N LEU A 168 -12.34 -18.79 9.24
CA LEU A 168 -12.85 -19.70 8.23
C LEU A 168 -12.01 -20.95 8.07
N ALA A 169 -12.68 -22.08 7.81
CA ALA A 169 -12.01 -23.37 7.61
C ALA A 169 -11.58 -23.42 6.16
N LEU A 170 -10.45 -22.76 5.87
CA LEU A 170 -9.93 -22.68 4.52
C LEU A 170 -9.47 -23.98 3.89
N GLU A 171 -9.49 -25.09 4.63
CA GLU A 171 -9.08 -26.37 4.03
C GLU A 171 -10.27 -27.03 3.35
N LYS A 172 -11.48 -26.58 3.66
CA LYS A 172 -12.70 -27.13 3.07
C LYS A 172 -12.91 -26.66 1.66
N ASP A 173 -13.22 -27.56 0.74
CA ASP A 173 -13.44 -27.15 -0.63
C ASP A 173 -14.65 -26.22 -0.71
N TYR A 174 -15.62 -26.39 0.17
CA TYR A 174 -16.79 -25.51 0.13
C TYR A 174 -16.39 -24.07 0.41
N VAL A 175 -15.56 -23.84 1.43
CA VAL A 175 -15.13 -22.49 1.77
C VAL A 175 -14.22 -21.91 0.68
N ARG A 176 -13.30 -22.73 0.16
CA ARG A 176 -12.39 -22.30 -0.90
C ARG A 176 -13.20 -21.84 -2.11
N SER A 177 -14.26 -22.58 -2.40
CA SER A 177 -15.14 -22.28 -3.54
C SER A 177 -15.91 -21.01 -3.34
N LYS A 178 -16.39 -20.74 -2.12
CA LYS A 178 -17.14 -19.52 -1.83
C LYS A 178 -16.23 -18.32 -2.02
N ILE A 179 -14.99 -18.45 -1.56
CA ILE A 179 -14.02 -17.36 -1.68
C ILE A 179 -13.60 -17.19 -3.15
N ALA A 180 -13.39 -18.28 -3.86
CA ALA A 180 -13.00 -18.18 -5.27
C ALA A 180 -14.14 -17.59 -6.09
N GLU A 181 -15.37 -17.90 -5.69
CA GLU A 181 -16.57 -17.39 -6.36
C GLU A 181 -16.58 -15.86 -6.24
N TYR A 182 -16.18 -15.36 -5.07
CA TYR A 182 -16.11 -13.93 -4.80
C TYR A 182 -14.96 -13.30 -5.58
N MET A 183 -13.79 -13.92 -5.53
CA MET A 183 -12.64 -13.41 -6.25
C MET A 183 -12.80 -13.47 -7.77
N ASN A 184 -13.44 -14.52 -8.30
CA ASN A 184 -13.63 -14.62 -9.75
C ASN A 184 -14.63 -13.60 -10.25
N HIS A 185 -15.61 -13.25 -9.42
CA HIS A 185 -16.59 -12.24 -9.81
C HIS A 185 -15.83 -10.93 -10.05
N LEU A 186 -14.94 -10.58 -9.12
CA LEU A 186 -14.14 -9.36 -9.23
C LEU A 186 -13.19 -9.43 -10.42
N ILE A 187 -12.53 -10.57 -10.62
CA ILE A 187 -11.62 -10.71 -11.76
C ILE A 187 -12.37 -10.51 -13.06
N ASP A 188 -13.50 -11.19 -13.24
CA ASP A 188 -14.29 -11.05 -14.47
C ASP A 188 -14.81 -9.62 -14.67
N ILE A 189 -14.95 -8.87 -13.57
CA ILE A 189 -15.38 -7.47 -13.60
C ILE A 189 -14.23 -6.60 -14.13
N GLY A 190 -12.99 -7.04 -13.93
CA GLY A 190 -11.86 -6.28 -14.43
C GLY A 190 -10.75 -6.04 -13.43
N VAL A 191 -10.91 -6.57 -12.22
CA VAL A 191 -9.89 -6.43 -11.17
C VAL A 191 -8.56 -7.07 -11.62
N ALA A 192 -7.44 -6.41 -11.35
CA ALA A 192 -6.13 -6.91 -11.76
C ALA A 192 -5.36 -7.72 -10.72
N GLY A 193 -5.81 -7.74 -9.48
CA GLY A 193 -5.09 -8.50 -8.48
C GLY A 193 -5.66 -8.30 -7.11
N PHE A 194 -4.99 -8.85 -6.10
CA PHE A 194 -5.49 -8.74 -4.74
C PHE A 194 -4.45 -8.61 -3.67
N ARG A 195 -4.88 -7.99 -2.58
CA ARG A 195 -4.08 -7.85 -1.37
C ARG A 195 -4.73 -8.94 -0.56
N LEU A 196 -3.99 -9.96 -0.16
CA LEU A 196 -4.59 -11.01 0.65
C LEU A 196 -4.41 -10.62 2.11
N ASP A 197 -5.47 -10.06 2.69
CA ASP A 197 -5.49 -9.64 4.07
C ASP A 197 -5.20 -10.77 5.03
N ALA A 198 -4.42 -10.50 6.06
CA ALA A 198 -4.09 -11.50 7.10
C ALA A 198 -3.56 -12.81 6.55
N SER A 199 -2.64 -12.78 5.59
CA SER A 199 -2.13 -14.03 5.03
C SER A 199 -1.30 -14.83 6.02
N LYS A 200 -0.71 -14.18 7.02
CA LYS A 200 0.05 -14.91 8.01
C LYS A 200 -0.88 -15.87 8.73
N HIS A 201 -2.15 -15.51 8.78
CA HIS A 201 -3.14 -16.32 9.49
C HIS A 201 -3.81 -17.39 8.63
N MET A 202 -3.30 -17.57 7.41
CA MET A 202 -3.81 -18.58 6.50
C MET A 202 -2.64 -19.48 6.13
N TRP A 203 -2.90 -20.78 5.96
CA TRP A 203 -1.84 -21.71 5.59
C TRP A 203 -1.44 -21.44 4.15
N PRO A 204 -0.12 -21.41 3.87
CA PRO A 204 0.34 -21.16 2.50
C PRO A 204 -0.39 -22.07 1.52
N GLY A 205 -0.66 -23.30 1.96
CA GLY A 205 -1.33 -24.28 1.12
C GLY A 205 -2.80 -24.05 0.87
N ASP A 206 -3.48 -23.41 1.81
CA ASP A 206 -4.90 -23.12 1.63
C ASP A 206 -5.00 -21.95 0.67
N ILE A 207 -4.08 -21.00 0.78
CA ILE A 207 -4.08 -19.86 -0.14
C ILE A 207 -3.84 -20.43 -1.54
N LYS A 208 -2.89 -21.33 -1.65
CA LYS A 208 -2.57 -21.94 -2.95
C LYS A 208 -3.79 -22.62 -3.55
N ALA A 209 -4.55 -23.38 -2.75
CA ALA A 209 -5.73 -24.07 -3.25
C ALA A 209 -6.79 -23.09 -3.75
N ILE A 210 -6.92 -21.94 -3.10
CA ILE A 210 -7.89 -20.94 -3.50
C ILE A 210 -7.42 -20.28 -4.79
N LEU A 211 -6.14 -19.96 -4.86
CA LEU A 211 -5.59 -19.33 -6.06
C LEU A 211 -5.76 -20.26 -7.28
N ASP A 212 -5.73 -21.58 -7.05
CA ASP A 212 -5.91 -22.55 -8.14
C ASP A 212 -7.29 -22.45 -8.75
N LYS A 213 -8.21 -21.85 -8.02
CA LYS A 213 -9.58 -21.70 -8.51
C LYS A 213 -9.79 -20.39 -9.27
N LEU A 214 -8.81 -19.51 -9.27
CA LEU A 214 -8.97 -18.22 -9.94
C LEU A 214 -8.78 -18.21 -11.44
N HIS A 215 -9.52 -17.34 -12.11
CA HIS A 215 -9.47 -17.17 -13.56
C HIS A 215 -8.29 -16.33 -13.95
N ASN A 216 -8.09 -16.19 -15.26
CA ASN A 216 -7.06 -15.32 -15.78
C ASN A 216 -7.78 -14.00 -15.87
N LEU A 217 -7.05 -12.89 -15.96
CA LEU A 217 -7.67 -11.58 -16.00
C LEU A 217 -8.61 -11.42 -17.19
N ASN A 218 -9.54 -10.47 -17.09
CA ASN A 218 -10.50 -10.22 -18.16
C ASN A 218 -9.80 -9.98 -19.49
N SER A 219 -9.98 -10.90 -20.44
CA SER A 219 -9.32 -10.78 -21.73
C SER A 219 -9.70 -9.59 -22.60
N ASN A 220 -10.63 -8.75 -22.15
CA ASN A 220 -11.00 -7.54 -22.91
C ASN A 220 -9.99 -6.44 -22.61
N TRP A 221 -9.37 -6.50 -21.44
CA TRP A 221 -8.39 -5.50 -21.03
C TRP A 221 -7.00 -6.05 -20.86
N PHE A 222 -6.88 -7.35 -20.59
CA PHE A 222 -5.57 -7.94 -20.34
C PHE A 222 -5.15 -9.00 -21.33
N PRO A 223 -3.83 -9.20 -21.51
CA PRO A 223 -3.32 -10.20 -22.44
C PRO A 223 -3.82 -11.56 -22.03
N ALA A 224 -3.96 -12.47 -22.98
CA ALA A 224 -4.43 -13.81 -22.65
C ALA A 224 -3.43 -14.46 -21.67
N GLY A 225 -3.94 -15.22 -20.72
CA GLY A 225 -3.05 -15.89 -19.77
C GLY A 225 -2.56 -15.04 -18.61
N SER A 226 -3.11 -13.84 -18.46
CA SER A 226 -2.71 -12.96 -17.36
C SER A 226 -3.20 -13.49 -16.03
N LYS A 227 -2.28 -13.72 -15.11
CA LYS A 227 -2.62 -14.21 -13.79
C LYS A 227 -2.80 -12.99 -12.90
N PRO A 228 -3.78 -12.99 -12.00
CA PRO A 228 -3.95 -11.83 -11.13
C PRO A 228 -2.74 -11.59 -10.22
N PHE A 229 -2.43 -10.32 -9.99
CA PHE A 229 -1.32 -9.93 -9.13
C PHE A 229 -1.71 -10.33 -7.72
N ILE A 230 -0.80 -10.95 -6.99
CA ILE A 230 -1.11 -11.36 -5.63
C ILE A 230 -0.06 -10.90 -4.64
N TYR A 231 -0.46 -10.08 -3.67
CA TYR A 231 0.48 -9.70 -2.63
C TYR A 231 -0.14 -10.03 -1.28
N GLN A 232 0.55 -10.94 -0.60
CA GLN A 232 0.17 -11.48 0.70
C GLN A 232 0.51 -10.57 1.89
N GLU A 233 -0.46 -10.23 2.73
CA GLU A 233 -0.13 -9.41 3.91
C GLU A 233 0.42 -10.32 4.99
N VAL A 234 1.73 -10.28 5.19
CA VAL A 234 2.36 -11.10 6.21
C VAL A 234 3.31 -10.21 6.95
N ILE A 235 3.07 -10.02 8.24
CA ILE A 235 3.94 -9.18 9.04
C ILE A 235 5.04 -10.05 9.65
N ASP A 236 6.18 -10.11 8.95
CA ASP A 236 7.32 -10.89 9.39
C ASP A 236 8.54 -10.05 9.66
N LEU A 237 8.86 -9.89 10.94
CA LEU A 237 10.01 -9.12 11.33
C LEU A 237 11.00 -10.10 11.92
N GLY A 238 11.46 -9.83 13.13
CA GLY A 238 12.43 -10.71 13.77
C GLY A 238 12.11 -12.19 13.99
N GLY A 239 12.26 -12.59 15.25
CA GLY A 239 12.06 -13.98 15.63
C GLY A 239 10.71 -14.58 15.92
N GLU A 240 10.23 -15.34 14.95
CA GLU A 240 8.98 -16.05 15.09
C GLU A 240 8.93 -17.09 13.98
N PRO A 241 8.40 -18.29 14.26
CA PRO A 241 8.27 -19.43 13.35
C PRO A 241 7.85 -19.17 11.92
N ILE A 242 6.82 -18.34 11.72
CA ILE A 242 6.33 -18.06 10.38
C ILE A 242 7.20 -17.07 9.61
N LYS A 243 7.66 -17.48 8.43
CA LYS A 243 8.50 -16.62 7.59
C LYS A 243 7.71 -16.26 6.33
N SER A 244 7.86 -15.03 5.85
CA SER A 244 7.13 -14.61 4.65
C SER A 244 7.55 -15.43 3.44
N SER A 245 8.72 -16.05 3.49
CA SER A 245 9.19 -16.84 2.34
C SER A 245 8.30 -18.06 2.13
N ASP A 246 7.58 -18.47 3.16
CA ASP A 246 6.68 -19.63 3.06
C ASP A 246 5.54 -19.34 2.10
N TYR A 247 5.34 -18.08 1.75
CA TYR A 247 4.26 -17.70 0.84
C TYR A 247 4.72 -17.33 -0.56
N PHE A 248 6.01 -17.49 -0.86
CA PHE A 248 6.53 -17.15 -2.19
C PHE A 248 5.87 -17.95 -3.30
N GLY A 249 5.40 -19.15 -2.98
CA GLY A 249 4.76 -19.96 -4.00
C GLY A 249 3.40 -19.44 -4.42
N ASN A 250 2.87 -18.44 -3.71
CA ASN A 250 1.56 -17.88 -4.02
C ASN A 250 1.61 -16.50 -4.66
N GLY A 251 2.73 -15.81 -4.51
CA GLY A 251 2.85 -14.47 -5.08
C GLY A 251 3.78 -13.63 -4.23
N ARG A 252 3.63 -12.31 -4.33
CA ARG A 252 4.47 -11.40 -3.56
C ARG A 252 4.00 -11.32 -2.12
N VAL A 253 4.79 -10.67 -1.28
CA VAL A 253 4.44 -10.51 0.11
C VAL A 253 4.81 -9.10 0.54
N THR A 254 4.05 -8.55 1.49
CA THR A 254 4.31 -7.23 2.02
C THR A 254 5.62 -7.31 2.79
N GLU A 255 6.53 -6.37 2.54
CA GLU A 255 7.80 -6.36 3.26
C GLU A 255 7.73 -5.27 4.32
N PHE A 256 7.23 -5.65 5.50
CA PHE A 256 7.10 -4.72 6.61
C PHE A 256 8.42 -4.29 7.21
N LYS A 257 9.51 -4.96 6.88
CA LYS A 257 10.82 -4.57 7.40
C LYS A 257 11.27 -3.31 6.67
N TYR A 258 10.70 -3.10 5.48
CA TYR A 258 11.05 -1.96 4.64
C TYR A 258 10.73 -0.61 5.29
N GLY A 259 9.46 -0.37 5.58
CA GLY A 259 9.08 0.89 6.20
C GLY A 259 9.63 1.03 7.62
N ALA A 260 9.71 -0.09 8.32
CA ALA A 260 10.22 -0.08 9.68
C ALA A 260 11.67 0.41 9.71
N LYS A 261 12.51 -0.17 8.86
CA LYS A 261 13.93 0.22 8.82
C LYS A 261 14.16 1.55 8.15
N LEU A 262 13.37 1.88 7.13
CA LEU A 262 13.54 3.16 6.45
C LEU A 262 13.17 4.25 7.44
N GLY A 263 12.18 3.97 8.29
CA GLY A 263 11.75 4.93 9.29
C GLY A 263 12.80 5.17 10.37
N THR A 264 13.41 4.10 10.89
CA THR A 264 14.44 4.25 11.90
C THR A 264 15.68 4.95 11.31
N VAL A 265 16.02 4.64 10.07
CA VAL A 265 17.16 5.27 9.39
C VAL A 265 16.92 6.78 9.21
N ILE A 266 15.77 7.13 8.64
CA ILE A 266 15.44 8.54 8.42
C ILE A 266 15.27 9.31 9.73
N ARG A 267 14.77 8.65 10.78
CA ARG A 267 14.61 9.31 12.07
C ARG A 267 15.94 9.31 12.81
N LYS A 268 16.92 8.60 12.26
CA LYS A 268 18.25 8.51 12.86
C LYS A 268 18.22 7.88 14.25
N TRP A 269 17.39 6.85 14.40
CA TRP A 269 17.26 6.13 15.67
C TRP A 269 18.40 5.15 15.87
N ASN A 270 18.77 4.92 17.12
CA ASN A 270 19.85 3.99 17.46
C ASN A 270 21.10 4.11 16.60
N GLY A 271 21.50 5.33 16.30
CA GLY A 271 22.70 5.54 15.52
C GLY A 271 22.62 5.30 14.01
N GLU A 272 21.47 4.87 13.52
CA GLU A 272 21.32 4.62 12.09
C GLU A 272 21.44 5.90 11.27
N LYS A 273 21.92 5.78 10.03
CA LYS A 273 22.07 6.93 9.14
C LYS A 273 21.94 6.53 7.69
N MET A 274 21.59 7.47 6.82
CA MET A 274 21.40 7.18 5.40
C MET A 274 22.58 6.55 4.69
N SER A 275 23.81 6.80 5.16
CA SER A 275 24.95 6.20 4.50
C SER A 275 24.84 4.68 4.53
N TYR A 276 24.11 4.16 5.50
CA TYR A 276 23.95 2.71 5.61
C TYR A 276 23.08 2.13 4.49
N LEU A 277 22.25 2.96 3.87
CA LEU A 277 21.35 2.50 2.82
C LEU A 277 22.02 2.11 1.50
N LYS A 278 23.35 2.15 1.44
CA LYS A 278 24.03 1.78 0.21
C LYS A 278 23.66 0.37 -0.24
N ASN A 279 23.50 -0.56 0.71
CA ASN A 279 23.14 -1.93 0.38
C ASN A 279 21.67 -2.20 0.67
N TRP A 280 20.83 -1.18 0.54
CA TRP A 280 19.39 -1.29 0.76
C TRP A 280 18.80 -2.42 -0.06
N GLY A 281 17.94 -3.24 0.56
CA GLY A 281 17.33 -4.34 -0.16
C GLY A 281 17.56 -5.65 0.55
N GLU A 282 17.84 -6.70 -0.21
CA GLU A 282 18.10 -8.02 0.38
C GLU A 282 19.22 -7.92 1.40
N GLY A 283 20.17 -7.02 1.17
CA GLY A 283 21.27 -6.85 2.08
C GLY A 283 20.82 -6.54 3.50
N TRP A 284 19.57 -6.11 3.64
CA TRP A 284 19.01 -5.77 4.95
C TRP A 284 18.12 -6.88 5.48
N GLY A 285 18.20 -8.07 4.89
CA GLY A 285 17.39 -9.17 5.35
C GLY A 285 15.98 -9.17 4.78
N PHE A 286 15.76 -8.36 3.75
CA PHE A 286 14.45 -8.27 3.13
C PHE A 286 14.24 -9.44 2.18
N VAL A 287 12.99 -9.71 1.81
CA VAL A 287 12.70 -10.78 0.88
C VAL A 287 13.25 -10.40 -0.49
N PRO A 288 13.36 -11.36 -1.44
CA PRO A 288 13.88 -11.01 -2.76
C PRO A 288 13.03 -9.91 -3.39
N SER A 289 13.68 -8.95 -4.03
CA SER A 289 12.98 -7.84 -4.66
C SER A 289 11.76 -8.21 -5.49
N ASP A 290 11.85 -9.29 -6.27
CA ASP A 290 10.73 -9.72 -7.11
C ASP A 290 9.57 -10.35 -6.35
N ARG A 291 9.68 -10.42 -5.02
CA ARG A 291 8.61 -10.98 -4.20
C ARG A 291 8.16 -9.93 -3.19
N ALA A 292 8.67 -8.71 -3.32
CA ALA A 292 8.33 -7.65 -2.37
C ALA A 292 7.35 -6.58 -2.82
N LEU A 293 6.40 -6.27 -1.95
CA LEU A 293 5.43 -5.20 -2.17
C LEU A 293 5.93 -4.23 -1.09
N VAL A 294 6.50 -3.09 -1.49
CA VAL A 294 7.04 -2.16 -0.50
C VAL A 294 6.25 -0.88 -0.31
N PHE A 295 6.40 -0.28 0.87
CA PHE A 295 5.69 0.93 1.24
C PHE A 295 6.32 1.55 2.49
N VAL A 296 6.15 2.86 2.67
CA VAL A 296 6.69 3.55 3.85
C VAL A 296 5.77 3.30 5.04
N ASP A 297 4.46 3.41 4.78
CA ASP A 297 3.45 3.17 5.79
C ASP A 297 2.23 2.56 5.14
N ASN A 298 1.37 1.90 5.92
CA ASN A 298 0.15 1.34 5.38
C ASN A 298 -0.98 1.82 6.27
N HIS A 299 -2.23 1.54 5.92
CA HIS A 299 -3.36 2.02 6.72
C HIS A 299 -3.30 1.65 8.20
N ASP A 300 -2.70 0.50 8.53
CA ASP A 300 -2.60 0.08 9.92
C ASP A 300 -1.54 0.78 10.71
N ASN A 301 -0.28 0.55 10.35
CA ASN A 301 0.83 1.13 11.08
C ASN A 301 0.95 2.63 11.01
N GLN A 302 0.20 3.30 10.15
CA GLN A 302 0.29 4.76 10.13
C GLN A 302 -0.49 5.25 11.35
N ARG A 303 -1.20 4.31 11.99
CA ARG A 303 -1.99 4.58 13.19
C ARG A 303 -1.34 3.92 14.39
N GLY A 304 -0.20 3.27 14.20
CA GLY A 304 0.45 2.58 15.30
C GLY A 304 -0.28 1.27 15.54
N HIS A 305 -1.07 0.88 14.55
CA HIS A 305 -1.88 -0.34 14.59
C HIS A 305 -1.13 -1.50 13.94
N GLY A 306 0.18 -1.36 13.74
CA GLY A 306 0.89 -2.45 13.11
C GLY A 306 2.41 -2.51 13.23
N ALA A 307 2.99 -3.32 12.33
CA ALA A 307 4.44 -3.54 12.28
C ALA A 307 5.22 -2.27 12.00
N GLY A 308 6.38 -2.16 12.63
CA GLY A 308 7.22 -0.99 12.46
C GLY A 308 7.16 -0.15 13.73
N GLY A 309 5.98 -0.15 14.31
CA GLY A 309 5.73 0.60 15.53
C GLY A 309 5.87 2.10 15.43
N ALA A 310 6.66 2.66 16.34
CA ALA A 310 6.90 4.10 16.41
C ALA A 310 7.77 4.71 15.33
N SER A 311 8.62 3.91 14.68
CA SER A 311 9.50 4.44 13.64
C SER A 311 8.80 4.77 12.34
N ILE A 312 7.64 4.18 12.12
CA ILE A 312 6.91 4.43 10.88
C ILE A 312 6.64 5.89 10.63
N LEU A 313 6.97 6.33 9.41
CA LEU A 313 6.77 7.71 8.99
C LEU A 313 5.45 7.82 8.26
N THR A 314 4.70 8.89 8.50
CA THR A 314 3.39 9.11 7.86
C THR A 314 3.27 10.54 7.40
N PHE A 315 2.12 10.90 6.85
CA PHE A 315 1.89 12.26 6.37
C PHE A 315 1.99 13.27 7.51
N TRP A 316 1.91 12.82 8.76
CA TRP A 316 2.02 13.71 9.91
C TRP A 316 3.44 14.27 10.01
N ASP A 317 4.42 13.50 9.52
CA ASP A 317 5.81 13.94 9.53
C ASP A 317 6.14 14.28 8.08
N ALA A 318 5.32 15.12 7.47
CA ALA A 318 5.44 15.51 6.08
C ALA A 318 6.84 15.66 5.49
N ARG A 319 7.70 16.45 6.13
CA ARG A 319 9.05 16.67 5.61
C ARG A 319 9.79 15.37 5.44
N LEU A 320 9.93 14.60 6.52
CA LEU A 320 10.65 13.33 6.46
C LEU A 320 9.89 12.29 5.65
N TYR A 321 8.57 12.36 5.64
CA TYR A 321 7.77 11.40 4.89
C TYR A 321 8.09 11.52 3.40
N LYS A 322 8.05 12.73 2.87
CA LYS A 322 8.35 12.95 1.44
C LYS A 322 9.73 12.39 1.11
N MET A 323 10.69 12.56 2.01
CA MET A 323 12.05 12.04 1.79
C MET A 323 12.06 10.54 1.69
N ALA A 324 11.39 9.89 2.65
CA ALA A 324 11.31 8.44 2.70
C ALA A 324 10.64 7.90 1.45
N VAL A 325 9.51 8.48 1.08
CA VAL A 325 8.80 8.04 -0.12
C VAL A 325 9.67 8.29 -1.34
N GLY A 326 10.49 9.34 -1.29
CA GLY A 326 11.36 9.67 -2.40
C GLY A 326 12.44 8.63 -2.60
N PHE A 327 13.09 8.23 -1.51
CA PHE A 327 14.12 7.21 -1.58
C PHE A 327 13.51 5.91 -2.09
N MET A 328 12.34 5.57 -1.58
CA MET A 328 11.64 4.35 -1.97
C MET A 328 11.33 4.35 -3.47
N LEU A 329 10.74 5.44 -3.98
CA LEU A 329 10.40 5.52 -5.41
C LEU A 329 11.62 5.61 -6.32
N ALA A 330 12.78 6.01 -5.79
CA ALA A 330 13.99 6.09 -6.60
C ALA A 330 14.75 4.77 -6.59
N HIS A 331 14.65 4.02 -5.49
CA HIS A 331 15.37 2.75 -5.38
C HIS A 331 14.66 1.62 -6.12
N PRO A 332 15.40 0.79 -6.87
CA PRO A 332 14.86 -0.34 -7.64
C PRO A 332 14.23 -1.48 -6.87
N TYR A 333 14.49 -1.59 -5.58
CA TYR A 333 13.93 -2.68 -4.79
C TYR A 333 12.41 -2.75 -4.64
N GLY A 334 11.83 -3.89 -5.00
CA GLY A 334 10.40 -4.13 -4.88
C GLY A 334 9.42 -3.37 -5.76
N PHE A 335 8.14 -3.62 -5.52
CA PHE A 335 7.06 -2.95 -6.24
C PHE A 335 6.44 -2.00 -5.24
N THR A 336 6.50 -0.72 -5.56
CA THR A 336 6.04 0.34 -4.68
C THR A 336 4.55 0.71 -4.57
N ARG A 337 4.09 0.85 -3.33
CA ARG A 337 2.72 1.23 -3.03
C ARG A 337 2.74 2.55 -2.27
N VAL A 338 2.10 3.57 -2.81
CA VAL A 338 2.03 4.88 -2.19
C VAL A 338 0.78 4.98 -1.33
N MET A 339 0.91 5.50 -0.12
CA MET A 339 -0.24 5.63 0.77
C MET A 339 -0.99 6.94 0.51
N SER A 340 -2.30 6.92 0.66
CA SER A 340 -3.12 8.11 0.47
C SER A 340 -4.13 8.03 1.60
N SER A 341 -4.10 8.99 2.51
CA SER A 341 -4.98 8.95 3.66
C SER A 341 -5.85 10.14 3.91
N TYR A 342 -6.55 10.09 5.04
CA TYR A 342 -7.41 11.19 5.47
C TYR A 342 -6.90 11.62 6.84
N ARG A 343 -7.06 12.90 7.13
CA ARG A 343 -6.62 13.47 8.40
C ARG A 343 -7.63 13.13 9.49
N TRP A 344 -7.16 12.70 10.66
CA TRP A 344 -8.08 12.37 11.75
C TRP A 344 -7.59 13.05 13.00
N PRO A 345 -8.48 13.24 14.00
CA PRO A 345 -8.16 13.88 15.28
C PRO A 345 -7.16 13.11 16.12
N ARG A 346 -5.95 12.94 15.60
CA ARG A 346 -4.93 12.21 16.32
C ARG A 346 -4.66 12.93 17.63
N GLN A 347 -4.91 12.26 18.75
CA GLN A 347 -4.65 12.85 20.07
C GLN A 347 -3.99 11.83 21.00
N PHE A 348 -2.75 12.13 21.38
CA PHE A 348 -1.97 11.25 22.24
C PHE A 348 -2.08 11.47 23.73
N GLN A 349 -2.06 10.37 24.48
CA GLN A 349 -2.07 10.39 25.93
C GLN A 349 -1.43 9.12 26.44
N ASN A 350 -0.43 9.32 27.29
CA ASN A 350 0.35 8.23 27.87
C ASN A 350 1.02 7.48 26.74
N GLY A 351 1.10 8.12 25.58
CA GLY A 351 1.76 7.51 24.45
C GLY A 351 0.93 6.93 23.31
N ASN A 352 -0.36 6.71 23.55
CA ASN A 352 -1.19 6.14 22.49
C ASN A 352 -2.24 7.07 21.96
N ASP A 353 -2.55 6.92 20.68
CA ASP A 353 -3.55 7.75 20.04
C ASP A 353 -4.93 7.16 20.30
N VAL A 354 -5.72 7.82 21.13
CA VAL A 354 -7.04 7.31 21.48
C VAL A 354 -8.08 7.50 20.40
N ASN A 355 -7.69 8.13 19.29
CA ASN A 355 -8.60 8.34 18.17
C ASN A 355 -8.14 7.58 16.95
N ASP A 356 -7.33 6.56 17.13
CA ASP A 356 -6.84 5.79 15.99
C ASP A 356 -7.92 4.91 15.34
N TRP A 357 -9.12 4.89 15.92
CA TRP A 357 -10.23 4.11 15.38
C TRP A 357 -11.04 4.92 14.37
N VAL A 358 -11.04 6.24 14.53
CA VAL A 358 -11.78 7.13 13.66
C VAL A 358 -11.82 6.75 12.19
N GLY A 359 -13.03 6.62 11.64
CA GLY A 359 -13.16 6.25 10.25
C GLY A 359 -12.92 7.42 9.31
N PRO A 360 -13.11 7.25 8.00
CA PRO A 360 -12.90 8.32 7.01
C PRO A 360 -13.82 9.52 7.19
N PRO A 361 -13.47 10.67 6.60
CA PRO A 361 -14.29 11.88 6.70
C PRO A 361 -15.71 11.52 6.34
N ASN A 362 -16.67 11.89 7.18
CA ASN A 362 -18.05 11.52 6.92
C ASN A 362 -19.07 12.50 7.44
N ASN A 363 -20.27 12.40 6.88
CA ASN A 363 -21.37 13.24 7.29
C ASN A 363 -22.44 12.29 7.77
N ASN A 364 -22.59 12.19 9.08
CA ASN A 364 -23.61 11.32 9.66
C ASN A 364 -23.35 9.86 9.31
N GLY A 365 -22.09 9.51 9.04
CA GLY A 365 -21.77 8.14 8.70
C GLY A 365 -21.54 7.93 7.21
N VAL A 366 -21.95 8.91 6.41
CA VAL A 366 -21.77 8.84 4.97
C VAL A 366 -20.42 9.42 4.60
N ILE A 367 -19.53 8.60 4.05
CA ILE A 367 -18.20 9.05 3.67
C ILE A 367 -18.27 10.26 2.77
N LYS A 368 -17.46 11.27 3.05
CA LYS A 368 -17.45 12.49 2.26
C LYS A 368 -16.73 12.34 0.93
N GLU A 369 -17.22 13.04 -0.08
CA GLU A 369 -16.63 13.01 -1.41
C GLU A 369 -15.25 13.64 -1.32
N VAL A 370 -14.36 13.30 -2.24
CA VAL A 370 -13.04 13.90 -2.24
C VAL A 370 -13.13 15.12 -3.13
N THR A 371 -12.92 16.29 -2.55
CA THR A 371 -12.99 17.52 -3.33
C THR A 371 -11.59 17.97 -3.71
N ILE A 372 -11.43 18.44 -4.95
CA ILE A 372 -10.12 18.87 -5.41
C ILE A 372 -10.02 20.39 -5.41
N ASN A 373 -9.03 20.91 -4.69
CA ASN A 373 -8.85 22.36 -4.61
C ASN A 373 -8.16 22.87 -5.86
N PRO A 374 -8.16 24.19 -6.07
CA PRO A 374 -7.52 24.79 -7.23
C PRO A 374 -6.03 24.46 -7.35
N ASP A 375 -5.35 24.28 -6.22
CA ASP A 375 -3.93 23.96 -6.25
C ASP A 375 -3.66 22.48 -6.41
N THR A 376 -4.72 21.72 -6.67
CA THR A 376 -4.70 20.26 -6.86
C THR A 376 -4.66 19.44 -5.57
N THR A 377 -4.72 20.11 -4.42
CA THR A 377 -4.74 19.38 -3.17
C THR A 377 -6.19 18.99 -2.91
N CYS A 378 -6.42 18.17 -1.89
CA CYS A 378 -7.77 17.74 -1.58
C CYS A 378 -8.34 18.41 -0.35
N GLY A 379 -9.66 18.49 -0.32
CA GLY A 379 -10.36 19.06 0.81
C GLY A 379 -11.12 17.93 1.48
N ASN A 380 -12.04 18.29 2.36
CA ASN A 380 -12.84 17.32 3.10
C ASN A 380 -12.00 16.42 3.99
N ASP A 381 -10.81 16.88 4.33
CA ASP A 381 -9.90 16.16 5.21
C ASP A 381 -9.16 14.98 4.60
N TRP A 382 -9.19 14.87 3.27
CA TRP A 382 -8.45 13.80 2.63
C TRP A 382 -7.07 14.39 2.44
N VAL A 383 -6.03 13.65 2.81
CA VAL A 383 -4.67 14.16 2.70
C VAL A 383 -4.12 14.12 1.29
N CYS A 384 -4.52 13.14 0.50
CA CYS A 384 -4.03 13.00 -0.86
C CYS A 384 -2.52 13.15 -1.01
N GLU A 385 -1.76 12.30 -0.34
CA GLU A 385 -0.30 12.37 -0.43
C GLU A 385 0.12 12.11 -1.88
N HIS A 386 -0.65 11.30 -2.60
CA HIS A 386 -0.30 10.99 -3.99
C HIS A 386 -0.37 12.21 -4.88
N ARG A 387 -1.04 13.25 -4.40
CA ARG A 387 -1.13 14.49 -5.17
C ARG A 387 -0.03 15.48 -4.79
N TRP A 388 0.72 15.21 -3.71
CA TRP A 388 1.81 16.10 -3.30
C TRP A 388 2.81 16.12 -4.44
N ARG A 389 3.28 17.31 -4.83
CA ARG A 389 4.23 17.45 -5.93
C ARG A 389 5.43 16.53 -5.79
N GLN A 390 6.11 16.60 -4.66
CA GLN A 390 7.30 15.79 -4.41
C GLN A 390 7.07 14.29 -4.46
N ILE A 391 5.83 13.85 -4.26
CA ILE A 391 5.52 12.42 -4.31
C ILE A 391 5.07 12.03 -5.70
N ARG A 392 4.12 12.77 -6.27
CA ARG A 392 3.64 12.47 -7.61
C ARG A 392 4.80 12.50 -8.59
N ASN A 393 5.72 13.45 -8.42
CA ASN A 393 6.86 13.53 -9.32
C ASN A 393 7.85 12.40 -9.17
N MET A 394 7.93 11.80 -7.98
CA MET A 394 8.83 10.68 -7.78
C MET A 394 8.14 9.43 -8.32
N VAL A 395 6.81 9.47 -8.40
CA VAL A 395 6.06 8.35 -8.96
C VAL A 395 6.45 8.32 -10.44
N ILE A 396 6.46 9.48 -11.06
CA ILE A 396 6.83 9.59 -12.47
C ILE A 396 8.30 9.25 -12.61
N PHE A 397 9.13 9.67 -11.65
CA PHE A 397 10.56 9.37 -11.65
C PHE A 397 10.75 7.87 -11.76
N ARG A 398 9.99 7.09 -10.99
CA ARG A 398 10.12 5.63 -11.01
C ARG A 398 9.79 5.08 -12.38
N ASN A 399 8.77 5.62 -13.03
CA ASN A 399 8.41 5.16 -14.36
C ASN A 399 9.52 5.45 -15.35
N VAL A 400 10.04 6.67 -15.32
CA VAL A 400 11.10 7.11 -16.22
C VAL A 400 12.35 6.27 -16.16
N VAL A 401 12.79 5.88 -14.97
CA VAL A 401 14.02 5.11 -14.80
C VAL A 401 13.82 3.60 -14.71
N ASP A 402 12.60 3.13 -14.92
CA ASP A 402 12.32 1.71 -14.83
C ASP A 402 13.28 0.82 -15.62
N GLY A 403 13.81 -0.20 -14.95
CA GLY A 403 14.74 -1.11 -15.61
C GLY A 403 16.19 -0.68 -15.49
N GLN A 404 16.40 0.60 -15.19
CA GLN A 404 17.72 1.18 -15.03
C GLN A 404 18.34 0.73 -13.70
N PRO A 405 19.62 0.35 -13.70
CA PRO A 405 20.29 -0.10 -12.48
C PRO A 405 20.69 0.94 -11.44
N PHE A 406 20.76 0.48 -10.21
CA PHE A 406 21.17 1.31 -9.09
C PHE A 406 22.65 1.55 -9.33
N THR A 407 23.07 2.81 -9.38
CA THR A 407 24.47 3.10 -9.65
C THR A 407 24.90 4.47 -9.16
N ASN A 408 26.20 4.75 -9.28
CA ASN A 408 26.77 6.03 -8.88
C ASN A 408 26.39 6.48 -7.49
N TRP A 409 26.57 5.59 -6.51
CA TRP A 409 26.24 5.91 -5.13
C TRP A 409 27.29 6.78 -4.47
N TYR A 410 26.81 7.74 -3.67
CA TYR A 410 27.68 8.63 -2.92
C TYR A 410 27.16 8.82 -1.50
N ASP A 411 28.05 8.93 -0.53
CA ASP A 411 27.64 9.20 0.83
C ASP A 411 28.82 9.83 1.55
N ASN A 412 28.52 10.66 2.55
CA ASN A 412 29.55 11.35 3.30
C ASN A 412 29.84 10.62 4.60
N GLY A 413 29.44 9.35 4.67
CA GLY A 413 29.66 8.59 5.89
C GLY A 413 28.67 8.98 6.97
N SER A 414 27.67 9.80 6.62
CA SER A 414 26.68 10.24 7.58
C SER A 414 25.27 10.18 6.99
N ASN A 415 24.67 11.33 6.69
CA ASN A 415 23.31 11.36 6.15
C ASN A 415 23.16 12.09 4.82
N GLN A 416 24.27 12.35 4.14
CA GLN A 416 24.21 13.00 2.84
C GLN A 416 24.56 11.94 1.82
N VAL A 417 23.55 11.48 1.09
CA VAL A 417 23.74 10.43 0.11
C VAL A 417 23.12 10.77 -1.23
N ALA A 418 23.47 10.01 -2.26
CA ALA A 418 22.92 10.24 -3.58
C ALA A 418 23.19 9.03 -4.44
N PHE A 419 22.35 8.80 -5.44
CA PHE A 419 22.56 7.67 -6.34
C PHE A 419 21.79 7.87 -7.62
N GLY A 420 22.13 7.10 -8.64
CA GLY A 420 21.44 7.22 -9.90
C GLY A 420 20.85 5.91 -10.37
N ARG A 421 20.03 6.02 -11.41
CA ARG A 421 19.40 4.86 -12.01
C ARG A 421 19.85 4.89 -13.47
N GLY A 422 20.91 4.13 -13.78
CA GLY A 422 21.45 4.12 -15.13
C GLY A 422 21.74 5.55 -15.52
N ASN A 423 21.40 5.92 -16.75
CA ASN A 423 21.61 7.29 -17.21
C ASN A 423 20.28 7.97 -17.34
N ARG A 424 19.28 7.47 -16.63
CA ARG A 424 17.95 8.05 -16.70
C ARG A 424 17.60 8.91 -15.52
N GLY A 425 18.21 8.67 -14.37
CA GLY A 425 17.87 9.50 -13.22
C GLY A 425 18.92 9.63 -12.14
N PHE A 426 18.76 10.67 -11.31
CA PHE A 426 19.67 10.92 -10.20
C PHE A 426 18.93 11.63 -9.07
N ILE A 427 19.22 11.22 -7.83
CA ILE A 427 18.55 11.81 -6.68
C ILE A 427 19.57 12.03 -5.57
N VAL A 428 19.44 13.13 -4.84
CA VAL A 428 20.40 13.48 -3.79
C VAL A 428 19.67 13.79 -2.50
N PHE A 429 20.20 13.30 -1.38
CA PHE A 429 19.56 13.55 -0.09
C PHE A 429 20.49 14.15 0.94
N ASN A 430 19.99 15.07 1.75
CA ASN A 430 20.76 15.65 2.84
C ASN A 430 19.94 15.60 4.11
N ASN A 431 20.25 14.68 5.01
CA ASN A 431 19.51 14.56 6.25
C ASN A 431 20.42 14.81 7.43
N ASP A 432 21.51 15.54 7.20
CA ASP A 432 22.44 15.90 8.27
C ASP A 432 22.04 17.27 8.78
N ASP A 433 22.55 17.66 9.95
CA ASP A 433 22.21 18.97 10.49
C ASP A 433 23.12 20.07 9.94
N TRP A 434 23.65 19.88 8.74
CA TRP A 434 24.50 20.90 8.12
C TRP A 434 24.28 20.88 6.63
N SER A 435 24.60 21.96 5.95
CA SER A 435 24.39 22.06 4.51
C SER A 435 25.20 21.10 3.68
N PHE A 436 24.67 20.76 2.52
CA PHE A 436 25.34 19.86 1.59
C PHE A 436 25.53 20.57 0.28
N SER A 437 26.79 20.83 -0.07
CA SER A 437 27.14 21.50 -1.32
C SER A 437 28.29 20.73 -1.91
N LEU A 438 28.08 20.10 -3.06
CA LEU A 438 29.13 19.30 -3.68
C LEU A 438 28.80 18.93 -5.10
N THR A 439 29.83 18.59 -5.87
CA THR A 439 29.66 18.18 -7.26
C THR A 439 29.67 16.66 -7.29
N LEU A 440 28.67 16.05 -7.91
CA LEU A 440 28.59 14.59 -7.95
C LEU A 440 28.46 14.04 -9.35
N GLN A 441 28.88 12.79 -9.53
CA GLN A 441 28.75 12.15 -10.82
C GLN A 441 27.29 11.67 -10.91
N THR A 442 26.55 12.16 -11.90
CA THR A 442 25.13 11.79 -12.05
C THR A 442 24.86 10.69 -13.07
N GLY A 443 25.81 10.41 -13.96
CA GLY A 443 25.60 9.39 -14.96
C GLY A 443 24.59 9.81 -16.01
N LEU A 444 24.09 11.03 -15.88
CA LEU A 444 23.10 11.58 -16.82
C LEU A 444 23.73 12.32 -17.99
N PRO A 445 23.02 12.42 -19.12
CA PRO A 445 23.54 13.13 -20.30
C PRO A 445 23.65 14.62 -19.99
N ALA A 446 24.61 15.31 -20.60
CA ALA A 446 24.80 16.75 -20.37
C ALA A 446 23.53 17.55 -20.64
N GLY A 447 23.33 18.63 -19.89
CA GLY A 447 22.15 19.45 -20.10
C GLY A 447 21.61 20.06 -18.82
N THR A 448 20.47 20.72 -18.94
CA THR A 448 19.80 21.37 -17.81
C THR A 448 18.58 20.58 -17.41
N TYR A 449 18.52 20.17 -16.14
CA TYR A 449 17.40 19.40 -15.65
C TYR A 449 16.59 20.11 -14.58
N CYS A 450 15.27 19.93 -14.61
CA CYS A 450 14.42 20.53 -13.61
C CYS A 450 14.41 19.60 -12.41
N ASP A 451 14.63 20.15 -11.21
CA ASP A 451 14.57 19.33 -10.02
C ASP A 451 13.09 19.12 -9.81
N VAL A 452 12.62 17.87 -9.81
CA VAL A 452 11.20 17.62 -9.66
C VAL A 452 10.66 17.64 -8.23
N ILE A 453 11.51 17.90 -7.25
CA ILE A 453 11.05 17.96 -5.86
C ILE A 453 10.60 19.39 -5.56
N SER A 454 11.47 20.37 -5.83
CA SER A 454 11.16 21.77 -5.60
C SER A 454 10.24 22.33 -6.67
N GLY A 455 10.19 21.70 -7.84
CA GLY A 455 9.33 22.22 -8.90
C GLY A 455 8.90 21.22 -9.95
N ASP A 456 8.57 21.74 -11.12
CA ASP A 456 8.11 20.93 -12.24
C ASP A 456 8.69 21.42 -13.54
N LYS A 457 8.67 20.56 -14.56
CA LYS A 457 9.14 20.97 -15.86
C LYS A 457 7.86 21.35 -16.55
N ILE A 458 7.73 22.61 -16.96
CA ILE A 458 6.53 23.06 -17.61
C ILE A 458 6.80 24.03 -18.73
N ASN A 459 6.24 23.74 -19.91
CA ASN A 459 6.42 24.60 -21.08
C ASN A 459 7.87 24.87 -21.41
N GLY A 460 8.69 23.82 -21.44
CA GLY A 460 10.10 23.97 -21.76
C GLY A 460 10.95 24.75 -20.78
N ASN A 461 10.50 24.82 -19.53
CA ASN A 461 11.25 25.53 -18.50
C ASN A 461 10.97 24.95 -17.11
N CYS A 462 11.74 25.35 -16.11
CA CYS A 462 11.57 24.83 -14.76
C CYS A 462 10.93 25.84 -13.83
N THR A 463 10.13 25.35 -12.87
CA THR A 463 9.46 26.22 -11.90
C THR A 463 10.23 26.23 -10.60
N GLY A 464 11.18 25.31 -10.44
CA GLY A 464 11.97 25.24 -9.23
C GLY A 464 13.46 25.24 -9.48
N ILE A 465 14.19 24.44 -8.69
CA ILE A 465 15.63 24.34 -8.80
C ILE A 465 16.01 23.80 -10.17
N LYS A 466 17.17 24.23 -10.67
CA LYS A 466 17.69 23.77 -11.96
C LYS A 466 19.09 23.21 -11.75
N ILE A 467 19.35 22.04 -12.33
CA ILE A 467 20.66 21.40 -12.21
C ILE A 467 21.30 21.33 -13.58
N TYR A 468 22.61 21.59 -13.64
CA TYR A 468 23.32 21.55 -14.91
C TYR A 468 24.32 20.42 -14.93
N VAL A 469 24.14 19.47 -15.84
CA VAL A 469 25.04 18.33 -15.96
C VAL A 469 26.05 18.62 -17.04
N SER A 470 27.35 18.48 -16.73
CA SER A 470 28.41 18.74 -17.68
C SER A 470 28.65 17.59 -18.62
N ASP A 471 29.53 17.78 -19.59
CA ASP A 471 29.82 16.74 -20.57
C ASP A 471 30.31 15.44 -19.95
N ASP A 472 30.84 15.48 -18.73
CA ASP A 472 31.30 14.26 -18.09
C ASP A 472 30.28 13.71 -17.10
N GLY A 473 29.08 14.26 -17.12
CA GLY A 473 28.03 13.79 -16.22
C GLY A 473 28.01 14.40 -14.84
N LYS A 474 29.05 15.15 -14.49
CA LYS A 474 29.12 15.78 -13.19
C LYS A 474 28.13 16.92 -13.07
N ALA A 475 27.66 17.19 -11.87
CA ALA A 475 26.71 18.28 -11.63
C ALA A 475 26.85 18.75 -10.20
N HIS A 476 26.59 20.03 -9.97
CA HIS A 476 26.69 20.57 -8.62
C HIS A 476 25.34 20.59 -7.94
N PHE A 477 25.28 20.09 -6.71
CA PHE A 477 24.03 20.11 -5.99
C PHE A 477 24.27 20.83 -4.70
N SER A 478 23.29 21.60 -4.26
CA SER A 478 23.40 22.36 -3.02
C SER A 478 22.10 22.22 -2.24
N ILE A 479 22.16 21.66 -1.03
CA ILE A 479 20.97 21.48 -0.22
C ILE A 479 21.19 21.93 1.20
N SER A 480 20.44 22.93 1.64
CA SER A 480 20.56 23.43 3.01
C SER A 480 19.78 22.51 3.91
N ASN A 481 20.30 22.23 5.10
CA ASN A 481 19.61 21.35 6.05
C ASN A 481 18.33 22.03 6.53
N SER A 482 18.09 23.24 6.02
CA SER A 482 16.89 24.02 6.35
C SER A 482 15.93 24.06 5.17
N ALA A 483 16.31 23.46 4.06
CA ALA A 483 15.47 23.45 2.86
C ALA A 483 14.11 22.82 3.12
N GLU A 484 13.07 23.36 2.48
CA GLU A 484 11.70 22.84 2.62
C GLU A 484 11.71 21.33 2.40
N ASP A 485 12.34 20.90 1.32
CA ASP A 485 12.47 19.48 0.99
C ASP A 485 13.96 19.24 0.78
N PRO A 486 14.65 18.67 1.79
CA PRO A 486 16.09 18.39 1.73
C PRO A 486 16.58 17.37 0.73
N PHE A 487 15.97 17.31 -0.45
CA PHE A 487 16.45 16.40 -1.47
C PHE A 487 16.06 16.88 -2.86
N ILE A 488 16.89 16.54 -3.84
CA ILE A 488 16.72 16.93 -5.24
C ILE A 488 16.67 15.69 -6.12
N ALA A 489 15.80 15.70 -7.13
CA ALA A 489 15.68 14.56 -8.04
C ALA A 489 15.50 15.03 -9.47
N ILE A 490 16.33 14.52 -10.37
CA ILE A 490 16.23 14.88 -11.78
C ILE A 490 16.23 13.62 -12.63
N HIS A 491 15.51 13.63 -13.74
CA HIS A 491 15.45 12.47 -14.61
C HIS A 491 15.33 12.85 -16.07
N ALA A 492 15.45 11.86 -16.95
CA ALA A 492 15.39 12.11 -18.39
C ALA A 492 14.21 12.97 -18.83
N GLU A 493 13.05 12.84 -18.19
CA GLU A 493 11.88 13.61 -18.61
C GLU A 493 11.75 15.00 -17.99
N SER A 494 12.70 15.41 -17.15
CA SER A 494 12.64 16.75 -16.57
C SER A 494 13.79 17.59 -17.16
N LYS A 495 14.42 17.05 -18.19
CA LYS A 495 15.53 17.68 -18.89
C LYS A 495 14.96 18.72 -19.84
N LEU A 496 15.51 19.93 -19.85
CA LEU A 496 15.01 20.99 -20.74
C LEU A 496 15.46 20.77 -22.17
C1 NAG B . 10.77 29.07 -20.34
C2 NAG B . 10.68 29.42 -21.87
C3 NAG B . 11.60 30.60 -22.21
C4 NAG B . 11.23 31.83 -21.39
C5 NAG B . 11.31 31.49 -19.87
C6 NAG B . 10.80 32.63 -18.95
C7 NAG B . 10.18 27.70 -23.58
C8 NAG B . 10.74 26.50 -24.30
N2 NAG B . 11.04 28.23 -22.68
O3 NAG B . 11.51 30.90 -23.64
O4 NAG B . 12.16 32.89 -21.65
O5 NAG B . 10.48 30.27 -19.58
O6 NAG B . 10.89 32.25 -17.57
O7 NAG B . 9.04 28.13 -23.81
CA CA C . -6.96 -18.56 9.93
N NO2 D . -0.33 -3.85 3.50
O1 NO2 D . -0.55 -4.27 4.62
O2 NO2 D . -0.75 -4.55 2.60
C1Q QV4 E . -13.64 -8.01 19.18
C2Q QV4 E . -13.91 -9.50 19.42
C3Q QV4 E . -15.02 -9.97 18.48
C4Q QV4 E . -16.26 -9.14 18.74
C5Q QV4 E . -15.97 -7.64 18.54
C6Q QV4 E . -17.22 -6.82 18.94
O2Q QV4 E . -12.73 -10.25 19.21
O3Q QV4 E . -15.30 -11.33 18.73
O4Q QV4 E . -17.32 -9.53 17.88
O5Q QV4 E . -14.86 -7.26 19.39
O6Q QV4 E . -16.89 -5.45 19.08
C1P QV4 E . -10.67 -4.74 16.23
C2P QV4 E . -10.41 -5.16 17.69
C3P QV4 E . -10.96 -6.57 17.95
C4P QV4 E . -12.47 -6.56 17.64
C5P QV4 E . -12.68 -6.15 16.17
C6P QV4 E . -14.19 -6.07 15.86
O2P QV4 E . -9.03 -5.08 17.95
O3P QV4 E . -10.76 -6.91 19.31
O4P QV4 E . -13.06 -7.85 17.87
O5P QV4 E . -12.07 -4.86 15.93
O6P QV4 E . -14.48 -5.05 14.93
C1B QV4 E . -8.15 -4.38 11.59
C2B QV4 E . -7.81 -3.52 12.85
C3B QV4 E . -8.14 -4.27 14.16
C4B QV4 E . -9.59 -4.81 14.12
C5B QV4 E . -9.73 -5.76 12.90
C6B QV4 E . -11.14 -6.34 12.81
O2B QV4 E . -6.43 -3.19 12.84
O3B QV4 E . -7.97 -3.40 15.26
O4B QV4 E . -9.89 -5.52 15.32
O5B QV4 E . -9.45 -5.02 11.69
O6B QV4 E . -12.11 -5.31 12.66
C1S QV4 E . -1.95 -8.97 13.46
C2S QV4 E . -2.07 -9.75 12.12
C3S QV4 E . -2.33 -8.79 10.94
C4S QV4 E . -3.54 -7.87 11.24
C5S QV4 E . -3.32 -7.15 12.60
C6S QV4 E . -4.55 -6.34 12.99
O2S QV4 E . -0.89 -10.48 11.87
O3S QV4 E . -2.61 -9.55 9.78
O5S QV4 E . -3.08 -8.12 13.65
N4S QV4 E . -3.69 -6.87 10.15
C1T QV4 E . -4.58 -7.22 8.98
C2T QV4 E . -5.05 -5.94 8.32
C3T QV4 E . -5.83 -5.10 9.36
C4T QV4 E . -7.02 -5.86 10.05
C5T QV4 E . -6.88 -7.41 10.13
C6T QV4 E . -5.86 -7.99 9.39
C7T QV4 E . -7.85 -8.27 10.94
O2T QV4 E . -3.93 -5.22 7.89
O3T QV4 E . -6.31 -3.91 8.74
O4T QV4 E . -7.15 -5.37 11.38
O7T QV4 E . -9.22 -8.25 10.65
O1T QV4 E . -0.76 -8.21 13.48
#